data_3K4H
#
_entry.id   3K4H
#
_cell.length_a   98.607
_cell.length_b   98.607
_cell.length_c   186.749
_cell.angle_alpha   90.000
_cell.angle_beta   90.000
_cell.angle_gamma   90.000
#
_symmetry.space_group_name_H-M   'P 41 21 2'
#
loop_
_entity.id
_entity.type
_entity.pdbx_description
1 polymer 'putative transcriptional regulator'
2 branched alpha-D-glucopyranose-(1-4)-alpha-D-glucopyranose
3 water water
#
_entity_poly.entity_id   1
_entity_poly.type   'polypeptide(L)'
_entity_poly.pdbx_seq_one_letter_code
;(MSE)SLANQTTKTLGLV(MSE)PSSASKAFQNPFFPEVIRGISSFAHVEGYALY(MSE)STGETEEEIFNGVVK(MSE)
VQGRQIGGIILLYSRENDRIIQYLHEQNFPFVLIGKPYDRKDEITYVDNDNYTAAREVAEYLISLGHKQIAFIGGGSDLL
VTRDRLAG(MSE)SDALKLADIVLPKEYILHFDFSRESGQQAVEEL(MSE)GLQQPPTAI(MSE)ATDDLIGLGVLSALS
KKGFVVPKDVSIVSFNNALLSEIASPPLSTVDVNIYQLGYEAAKALVDKVENAESTAKCIIIPHKLLKRQTCEGHHHHHH
;
_entity_poly.pdbx_strand_id   A,B
#
loop_
_chem_comp.id
_chem_comp.type
_chem_comp.name
_chem_comp.formula
GLC D-saccharide, alpha linking alpha-D-glucopyranose 'C6 H12 O6'
#
# COMPACT_ATOMS: atom_id res chain seq x y z
N THR A 7 -10.03 -34.35 -4.91
CA THR A 7 -9.86 -32.93 -5.10
C THR A 7 -9.12 -32.75 -6.37
N THR A 8 -9.35 -31.63 -7.04
CA THR A 8 -8.59 -31.29 -8.24
C THR A 8 -7.95 -29.97 -8.12
N LYS A 9 -6.68 -29.85 -8.46
CA LYS A 9 -6.15 -28.55 -8.32
C LYS A 9 -6.00 -27.92 -9.65
N THR A 10 -6.83 -26.94 -9.86
CA THR A 10 -6.74 -26.18 -11.04
C THR A 10 -7.16 -24.88 -10.51
N LEU A 11 -6.69 -23.82 -11.10
CA LEU A 11 -7.03 -22.51 -10.68
C LEU A 11 -7.70 -21.87 -11.82
N GLY A 12 -8.71 -21.11 -11.54
CA GLY A 12 -9.45 -20.43 -12.56
C GLY A 12 -8.99 -19.01 -12.72
N LEU A 13 -9.01 -18.56 -13.97
CA LEU A 13 -8.62 -17.20 -14.26
C LEU A 13 -9.82 -16.51 -14.84
N VAL A 14 -10.08 -15.30 -14.39
CA VAL A 14 -11.16 -14.53 -14.95
C VAL A 14 -10.65 -13.20 -15.47
N MSE A 15 -10.94 -12.97 -16.75
CA MSE A 15 -10.64 -11.71 -17.39
C MSE A 15 -11.73 -10.64 -17.23
O MSE A 15 -12.84 -10.93 -16.82
CB MSE A 15 -10.38 -11.98 -18.84
CG MSE A 15 -8.93 -11.84 -19.18
SE MSE A 15 -7.90 -13.51 -19.34
CE MSE A 15 -6.47 -12.88 -18.18
N PRO A 16 -11.42 -9.38 -17.56
CA PRO A 16 -12.46 -8.37 -17.62
C PRO A 16 -13.30 -8.48 -18.87
N SER A 17 -12.88 -9.29 -19.83
CA SER A 17 -13.57 -9.45 -21.10
C SER A 17 -12.96 -10.63 -21.89
N SER A 18 -13.44 -10.84 -23.12
CA SER A 18 -13.06 -12.03 -23.91
C SER A 18 -11.55 -12.31 -23.84
N ALA A 19 -11.17 -13.55 -23.62
CA ALA A 19 -9.76 -13.90 -23.60
C ALA A 19 -9.04 -13.35 -24.84
N SER A 20 -9.76 -13.26 -25.96
CA SER A 20 -9.26 -12.66 -27.19
C SER A 20 -8.93 -11.16 -27.05
N LYS A 21 -9.83 -10.35 -26.48
CA LYS A 21 -9.47 -8.95 -26.22
C LYS A 21 -8.29 -8.90 -25.23
N ALA A 22 -8.33 -9.71 -24.18
CA ALA A 22 -7.30 -9.69 -23.15
C ALA A 22 -5.88 -9.93 -23.69
N PHE A 23 -5.75 -10.87 -24.61
CA PHE A 23 -4.44 -11.32 -25.07
C PHE A 23 -3.85 -10.38 -26.07
N GLN A 24 -4.60 -9.34 -26.41
CA GLN A 24 -4.12 -8.32 -27.31
C GLN A 24 -3.43 -7.29 -26.46
N ASN A 25 -3.67 -7.35 -25.16
CA ASN A 25 -3.03 -6.47 -24.22
C ASN A 25 -1.85 -7.17 -23.56
N PRO A 26 -0.62 -6.64 -23.70
CA PRO A 26 0.44 -7.53 -23.19
C PRO A 26 0.44 -7.67 -21.67
N PHE A 27 -0.37 -6.89 -20.96
CA PHE A 27 -0.48 -7.13 -19.53
C PHE A 27 -0.79 -8.61 -19.17
N PHE A 28 -1.72 -9.19 -19.93
CA PHE A 28 -2.25 -10.50 -19.56
C PHE A 28 -1.37 -11.73 -19.75
N PRO A 29 -0.68 -11.86 -20.91
CA PRO A 29 0.19 -13.04 -21.01
C PRO A 29 1.29 -12.98 -19.94
N GLU A 30 1.67 -11.78 -19.53
CA GLU A 30 2.70 -11.66 -18.52
C GLU A 30 2.16 -12.01 -17.13
N VAL A 31 0.91 -11.63 -16.82
CA VAL A 31 0.37 -11.94 -15.49
C VAL A 31 0.17 -13.41 -15.40
N ILE A 32 -0.31 -14.00 -16.50
CA ILE A 32 -0.55 -15.43 -16.56
C ILE A 32 0.76 -16.15 -16.46
N ARG A 33 1.80 -15.59 -17.05
CA ARG A 33 3.10 -16.20 -17.02
C ARG A 33 3.64 -16.28 -15.57
N GLY A 34 3.27 -15.31 -14.74
CA GLY A 34 3.67 -15.32 -13.33
C GLY A 34 2.79 -16.32 -12.59
N ILE A 35 1.52 -16.35 -12.98
CA ILE A 35 0.54 -17.20 -12.31
C ILE A 35 1.01 -18.65 -12.48
N SER A 36 1.31 -19.00 -13.72
CA SER A 36 1.73 -20.33 -14.11
C SER A 36 3.05 -20.76 -13.45
N SER A 37 4.00 -19.81 -13.39
CA SER A 37 5.30 -20.11 -12.81
C SER A 37 5.13 -20.64 -11.37
N PHE A 38 4.20 -20.05 -10.62
CA PHE A 38 3.88 -20.57 -9.29
C PHE A 38 2.99 -21.82 -9.30
N ALA A 39 1.92 -21.80 -10.08
CA ALA A 39 1.03 -22.96 -10.06
C ALA A 39 1.86 -24.22 -10.24
N HIS A 40 2.86 -24.12 -11.11
CA HIS A 40 3.83 -25.19 -11.34
C HIS A 40 4.44 -25.76 -10.04
N VAL A 41 4.95 -24.88 -9.18
CA VAL A 41 5.57 -25.26 -7.92
C VAL A 41 4.70 -26.21 -7.07
N GLU A 42 3.39 -25.97 -7.05
CA GLU A 42 2.44 -26.77 -6.27
C GLU A 42 1.57 -27.69 -7.11
N GLY A 43 1.99 -27.97 -8.34
CA GLY A 43 1.25 -28.86 -9.25
C GLY A 43 -0.19 -28.46 -9.48
N TYR A 44 -0.42 -27.17 -9.69
CA TYR A 44 -1.73 -26.67 -10.09
C TYR A 44 -1.68 -26.34 -11.57
N ALA A 45 -2.79 -26.60 -12.26
CA ALA A 45 -2.98 -26.31 -13.67
C ALA A 45 -3.93 -25.14 -13.74
N LEU A 46 -4.20 -24.63 -14.95
CA LEU A 46 -4.95 -23.42 -15.08
C LEU A 46 -6.19 -23.64 -15.91
N TYR A 47 -7.16 -22.74 -15.78
CA TYR A 47 -8.41 -22.91 -16.48
C TYR A 47 -9.04 -21.55 -16.70
N MSE A 48 -9.56 -21.34 -17.88
CA MSE A 48 -10.28 -20.12 -18.13
C MSE A 48 -11.43 -20.43 -19.02
O MSE A 48 -11.42 -21.41 -19.76
CB MSE A 48 -9.39 -19.07 -18.74
CG MSE A 48 -9.11 -19.26 -20.18
SE MSE A 48 -7.54 -18.21 -20.70
CE MSE A 48 -7.80 -16.63 -19.55
N SER A 49 -12.42 -19.59 -18.98
CA SER A 49 -13.59 -19.73 -19.79
C SER A 49 -13.46 -18.89 -21.03
N THR A 50 -14.19 -19.27 -22.06
CA THR A 50 -14.14 -18.54 -23.30
C THR A 50 -15.15 -17.45 -23.55
N GLY A 51 -16.00 -17.11 -22.63
CA GLY A 51 -17.05 -16.19 -22.96
C GLY A 51 -16.61 -14.79 -23.18
N GLU A 52 -16.95 -14.24 -24.31
CA GLU A 52 -16.80 -12.84 -24.62
C GLU A 52 -17.58 -11.75 -23.93
N THR A 53 -18.85 -12.01 -23.75
CA THR A 53 -19.78 -11.10 -23.14
C THR A 53 -19.82 -11.08 -21.66
N GLU A 54 -20.30 -10.03 -21.09
CA GLU A 54 -20.32 -9.99 -19.66
C GLU A 54 -21.19 -11.09 -19.12
N GLU A 55 -22.31 -11.33 -19.74
CA GLU A 55 -23.13 -12.41 -19.32
C GLU A 55 -22.42 -13.69 -19.53
N GLU A 56 -21.75 -13.83 -20.65
CA GLU A 56 -21.02 -15.03 -20.91
C GLU A 56 -19.91 -15.30 -19.93
N ILE A 57 -19.23 -14.28 -19.48
CA ILE A 57 -18.16 -14.45 -18.51
C ILE A 57 -18.73 -14.89 -17.16
N PHE A 58 -19.90 -14.36 -16.80
CA PHE A 58 -20.55 -14.77 -15.56
C PHE A 58 -20.83 -16.25 -15.63
N ASN A 59 -21.60 -16.68 -16.64
CA ASN A 59 -21.86 -18.08 -16.83
C ASN A 59 -20.56 -18.89 -16.72
N GLY A 60 -19.50 -18.37 -17.33
CA GLY A 60 -18.23 -19.05 -17.29
C GLY A 60 -17.82 -19.40 -15.85
N VAL A 61 -17.85 -18.40 -14.98
CA VAL A 61 -17.39 -18.55 -13.61
C VAL A 61 -18.31 -19.46 -12.83
N VAL A 62 -19.59 -19.33 -13.10
CA VAL A 62 -20.62 -20.13 -12.46
C VAL A 62 -20.45 -21.61 -12.77
N LYS A 63 -20.16 -21.97 -14.03
CA LYS A 63 -19.92 -23.37 -14.37
C LYS A 63 -18.65 -23.90 -13.70
N MSE A 64 -17.63 -23.05 -13.64
CA MSE A 64 -16.42 -23.32 -12.88
C MSE A 64 -16.74 -23.77 -11.46
O MSE A 64 -16.24 -24.82 -11.02
CB MSE A 64 -15.55 -22.07 -12.79
CG MSE A 64 -14.81 -21.71 -14.06
SE MSE A 64 -13.53 -20.26 -13.79
CE MSE A 64 -12.55 -21.04 -12.33
N VAL A 65 -17.53 -22.98 -10.76
CA VAL A 65 -17.85 -23.27 -9.36
C VAL A 65 -18.77 -24.47 -9.31
N GLN A 66 -19.71 -24.54 -10.24
CA GLN A 66 -20.69 -25.63 -10.25
C GLN A 66 -20.09 -27.01 -10.53
N GLY A 67 -18.98 -27.01 -11.25
CA GLY A 67 -18.32 -28.25 -11.68
C GLY A 67 -17.53 -28.97 -10.61
N ARG A 68 -17.33 -28.34 -9.46
CA ARG A 68 -16.51 -28.90 -8.36
C ARG A 68 -15.10 -29.35 -8.80
N GLN A 69 -14.62 -28.85 -9.93
CA GLN A 69 -13.30 -29.20 -10.42
C GLN A 69 -12.29 -28.08 -10.17
N ILE A 70 -12.77 -26.84 -10.02
CA ILE A 70 -11.87 -25.71 -9.76
C ILE A 70 -11.75 -25.44 -8.26
N GLY A 71 -10.52 -25.43 -7.76
CA GLY A 71 -10.24 -25.23 -6.35
C GLY A 71 -10.24 -23.76 -5.95
N GLY A 72 -9.92 -22.88 -6.89
CA GLY A 72 -9.80 -21.46 -6.54
C GLY A 72 -9.82 -20.62 -7.79
N ILE A 73 -10.02 -19.31 -7.65
CA ILE A 73 -10.15 -18.43 -8.81
C ILE A 73 -9.34 -17.18 -8.60
N ILE A 74 -8.58 -16.76 -9.61
CA ILE A 74 -7.89 -15.47 -9.56
C ILE A 74 -8.63 -14.53 -10.46
N LEU A 75 -9.04 -13.39 -9.95
CA LEU A 75 -9.63 -12.37 -10.83
C LEU A 75 -8.53 -11.44 -11.32
N LEU A 76 -8.34 -11.37 -12.63
CA LEU A 76 -7.22 -10.59 -13.18
C LEU A 76 -7.52 -9.11 -13.30
N TYR A 77 -8.59 -8.71 -12.65
CA TYR A 77 -9.06 -7.35 -12.76
C TYR A 77 -9.87 -6.99 -11.52
N SER A 78 -10.18 -5.70 -11.36
CA SER A 78 -11.00 -5.22 -10.27
C SER A 78 -11.95 -4.13 -10.68
N ARG A 79 -13.21 -4.53 -10.81
CA ARG A 79 -14.27 -3.67 -11.27
C ARG A 79 -15.22 -3.46 -10.12
N GLU A 80 -15.80 -2.27 -10.09
CA GLU A 80 -16.85 -1.86 -9.17
C GLU A 80 -18.17 -2.61 -9.49
N ASN A 81 -18.82 -3.16 -8.46
CA ASN A 81 -20.07 -3.95 -8.62
C ASN A 81 -19.86 -5.16 -9.52
N ASP A 82 -18.75 -5.82 -9.33
CA ASP A 82 -18.56 -7.01 -10.09
C ASP A 82 -19.55 -8.04 -9.52
N ARG A 83 -20.52 -8.45 -10.34
CA ARG A 83 -21.34 -9.58 -9.99
C ARG A 83 -20.44 -10.76 -9.66
N ILE A 84 -19.36 -10.97 -10.43
CA ILE A 84 -18.53 -12.16 -10.24
C ILE A 84 -18.15 -12.29 -8.77
N ILE A 85 -17.67 -11.18 -8.18
CA ILE A 85 -17.32 -11.14 -6.77
C ILE A 85 -18.51 -11.36 -5.86
N GLN A 86 -19.66 -10.72 -6.14
CA GLN A 86 -20.87 -10.96 -5.33
C GLN A 86 -21.15 -12.45 -5.31
N TYR A 87 -20.96 -13.10 -6.45
CA TYR A 87 -21.26 -14.50 -6.57
C TYR A 87 -20.33 -15.33 -5.72
N LEU A 88 -19.04 -15.11 -5.91
CA LEU A 88 -18.04 -15.92 -5.25
C LEU A 88 -18.10 -15.70 -3.75
N HIS A 89 -18.35 -14.46 -3.34
CA HIS A 89 -18.45 -14.14 -1.92
C HIS A 89 -19.62 -14.86 -1.26
N GLU A 90 -20.78 -14.81 -1.91
CA GLU A 90 -21.96 -15.57 -1.47
C GLU A 90 -21.84 -17.12 -1.46
N GLN A 91 -21.12 -17.69 -2.42
CA GLN A 91 -21.00 -19.15 -2.47
C GLN A 91 -19.85 -19.59 -1.58
N ASN A 92 -19.26 -18.62 -0.89
CA ASN A 92 -18.07 -18.84 -0.09
C ASN A 92 -16.94 -19.55 -0.85
N PHE A 93 -16.72 -19.19 -2.12
CA PHE A 93 -15.71 -19.83 -2.95
C PHE A 93 -14.38 -19.12 -2.80
N PRO A 94 -13.25 -19.88 -2.70
CA PRO A 94 -11.97 -19.19 -2.49
C PRO A 94 -11.50 -18.43 -3.73
N PHE A 95 -11.25 -17.13 -3.58
CA PHE A 95 -10.73 -16.33 -4.69
C PHE A 95 -9.81 -15.22 -4.24
N VAL A 96 -9.09 -14.66 -5.22
CA VAL A 96 -8.10 -13.62 -4.97
C VAL A 96 -8.17 -12.54 -6.05
N LEU A 97 -8.00 -11.27 -5.67
CA LEU A 97 -7.97 -10.17 -6.64
C LEU A 97 -6.57 -9.76 -7.10
N ILE A 98 -6.45 -9.35 -8.36
CA ILE A 98 -5.28 -8.55 -8.80
C ILE A 98 -5.80 -7.13 -9.00
N GLY A 99 -5.66 -6.29 -7.99
CA GLY A 99 -6.28 -4.96 -7.96
C GLY A 99 -7.01 -4.71 -6.64
N LYS A 100 -7.12 -3.46 -6.24
CA LYS A 100 -7.88 -3.06 -5.06
C LYS A 100 -9.38 -3.36 -5.25
N PRO A 101 -10.04 -3.88 -4.20
CA PRO A 101 -11.49 -4.06 -4.26
C PRO A 101 -12.15 -2.76 -3.91
N TYR A 102 -13.36 -2.52 -4.42
CA TYR A 102 -14.00 -1.24 -4.14
C TYR A 102 -14.19 -1.05 -2.65
N ASP A 103 -14.72 -2.09 -2.00
CA ASP A 103 -14.98 -2.11 -0.56
C ASP A 103 -14.53 -3.47 0.02
N ARG A 104 -14.68 -3.62 1.34
CA ARG A 104 -14.40 -4.90 2.03
C ARG A 104 -12.93 -5.30 1.95
N LYS A 105 -12.04 -4.31 1.90
CA LYS A 105 -10.60 -4.58 1.94
C LYS A 105 -10.25 -5.62 2.99
N ASP A 106 -10.91 -5.52 4.15
CA ASP A 106 -10.76 -6.47 5.25
C ASP A 106 -11.15 -7.91 4.89
N GLU A 107 -12.15 -8.09 4.03
CA GLU A 107 -12.66 -9.44 3.71
C GLU A 107 -11.98 -10.14 2.52
N ILE A 108 -11.52 -9.36 1.55
CA ILE A 108 -10.97 -9.89 0.30
C ILE A 108 -9.44 -9.89 0.30
N THR A 109 -8.83 -10.92 -0.25
CA THR A 109 -7.38 -10.93 -0.39
C THR A 109 -6.97 -10.52 -1.76
N TYR A 110 -6.12 -9.53 -1.87
CA TYR A 110 -5.78 -9.01 -3.14
C TYR A 110 -4.34 -8.64 -3.30
N VAL A 111 -3.86 -8.59 -4.53
CA VAL A 111 -2.51 -8.22 -4.89
C VAL A 111 -2.55 -6.97 -5.74
N ASP A 112 -1.73 -5.99 -5.48
CA ASP A 112 -1.83 -4.76 -6.21
C ASP A 112 -0.55 -4.01 -6.18
N ASN A 113 -0.41 -2.98 -6.97
CA ASN A 113 0.64 -2.03 -6.79
C ASN A 113 0.08 -0.84 -6.09
N ASP A 114 0.90 -0.01 -5.48
CA ASP A 114 0.36 1.18 -4.85
C ASP A 114 0.14 2.23 -5.94
N ASN A 115 -0.89 2.00 -6.74
CA ASN A 115 -1.21 2.81 -7.88
C ASN A 115 -1.45 4.28 -7.54
N TYR A 116 -2.02 4.53 -6.37
CA TYR A 116 -2.23 5.90 -5.93
C TYR A 116 -0.90 6.61 -5.89
N THR A 117 0.07 6.01 -5.19
CA THR A 117 1.38 6.62 -5.07
C THR A 117 2.18 6.61 -6.38
N ALA A 118 2.03 5.57 -7.20
CA ALA A 118 2.79 5.55 -8.44
C ALA A 118 2.38 6.80 -9.25
N ALA A 119 1.07 7.04 -9.38
CA ALA A 119 0.53 8.18 -10.14
C ALA A 119 0.87 9.52 -9.51
N ARG A 120 0.81 9.60 -8.19
CA ARG A 120 1.31 10.77 -7.50
C ARG A 120 2.73 11.05 -7.92
N GLU A 121 3.57 10.01 -7.96
CA GLU A 121 4.99 10.19 -8.21
C GLU A 121 5.24 10.63 -9.65
N VAL A 122 4.54 10.00 -10.59
CA VAL A 122 4.59 10.43 -11.98
C VAL A 122 4.19 11.92 -12.11
N ALA A 123 3.16 12.33 -11.38
CA ALA A 123 2.66 13.69 -11.51
C ALA A 123 3.65 14.64 -10.85
N GLU A 124 4.25 14.21 -9.74
CA GLU A 124 5.31 15.01 -9.10
C GLU A 124 6.49 15.18 -10.05
N TYR A 125 6.82 14.09 -10.76
CA TYR A 125 7.89 14.09 -11.77
C TYR A 125 7.67 15.14 -12.87
N LEU A 126 6.49 15.12 -13.49
CA LEU A 126 6.13 16.11 -14.49
C LEU A 126 6.04 17.54 -13.94
N ILE A 127 5.53 17.66 -12.71
CA ILE A 127 5.35 18.99 -12.12
C ILE A 127 6.72 19.58 -11.82
N SER A 128 7.64 18.73 -11.36
CA SER A 128 9.00 19.20 -11.12
C SER A 128 9.64 19.59 -12.44
N LEU A 129 9.13 19.08 -13.57
CA LEU A 129 9.61 19.46 -14.90
C LEU A 129 9.06 20.79 -15.40
N GLY A 130 8.17 21.41 -14.61
CA GLY A 130 7.53 22.65 -15.01
C GLY A 130 6.24 22.58 -15.82
N HIS A 131 5.70 21.37 -16.02
CA HIS A 131 4.41 21.27 -16.68
C HIS A 131 3.31 21.71 -15.73
N LYS A 132 2.31 22.42 -16.24
CA LYS A 132 1.22 22.93 -15.41
C LYS A 132 -0.14 22.55 -16.00
N GLN A 133 -0.11 22.00 -17.21
CA GLN A 133 -1.32 21.61 -17.93
C GLN A 133 -1.09 20.15 -18.34
N ILE A 134 -1.56 19.27 -17.47
CA ILE A 134 -1.26 17.85 -17.50
C ILE A 134 -2.58 17.09 -17.63
N ALA A 135 -2.66 16.21 -18.63
CA ALA A 135 -3.85 15.42 -18.91
C ALA A 135 -3.63 13.94 -18.58
N PHE A 136 -4.76 13.26 -18.39
CA PHE A 136 -4.82 11.89 -17.93
C PHE A 136 -5.66 11.19 -18.94
N ILE A 137 -5.22 10.02 -19.37
CA ILE A 137 -5.99 9.19 -20.28
C ILE A 137 -6.01 7.78 -19.73
N GLY A 138 -7.21 7.28 -19.44
CA GLY A 138 -7.35 5.94 -18.91
C GLY A 138 -8.33 5.07 -19.65
N GLY A 139 -8.54 3.87 -19.10
CA GLY A 139 -9.55 2.93 -19.56
C GLY A 139 -10.82 3.22 -18.81
N GLY A 140 -11.60 2.18 -18.55
CA GLY A 140 -12.94 2.33 -17.95
C GLY A 140 -12.92 3.06 -16.63
N SER A 141 -13.90 3.95 -16.41
CA SER A 141 -14.08 4.62 -15.11
C SER A 141 -14.27 3.58 -14.02
N ASP A 142 -14.99 2.51 -14.35
CA ASP A 142 -15.46 1.55 -13.36
C ASP A 142 -14.37 0.60 -12.85
N LEU A 143 -13.18 0.68 -13.44
CA LEU A 143 -12.03 -0.09 -12.98
C LEU A 143 -11.24 0.63 -11.90
N LEU A 144 -10.78 -0.11 -10.91
CA LEU A 144 -10.21 0.60 -9.79
C LEU A 144 -8.79 1.07 -10.01
N VAL A 145 -8.04 0.36 -10.84
CA VAL A 145 -6.72 0.84 -11.21
C VAL A 145 -6.81 2.24 -11.88
N THR A 146 -7.85 2.46 -12.67
CA THR A 146 -8.07 3.77 -13.27
C THR A 146 -8.47 4.83 -12.24
N ARG A 147 -9.40 4.53 -11.34
CA ARG A 147 -9.79 5.50 -10.33
C ARG A 147 -8.60 5.91 -9.50
N ASP A 148 -7.78 4.93 -9.11
CA ASP A 148 -6.65 5.19 -8.24
C ASP A 148 -5.60 6.05 -8.92
N ARG A 149 -5.26 5.66 -10.16
CA ARG A 149 -4.29 6.39 -10.97
C ARG A 149 -4.76 7.81 -11.23
N LEU A 150 -6.03 7.98 -11.61
CA LEU A 150 -6.63 9.28 -11.56
C LEU A 150 -6.45 9.99 -10.22
N ALA A 151 -6.78 9.32 -9.13
CA ALA A 151 -6.83 9.97 -7.81
C ALA A 151 -5.48 10.53 -7.41
N GLY A 152 -4.43 9.75 -7.60
CA GLY A 152 -3.05 10.16 -7.28
C GLY A 152 -2.53 11.32 -8.09
N MSE A 153 -2.83 11.37 -9.39
CA MSE A 153 -2.34 12.48 -10.20
C MSE A 153 -3.14 13.76 -9.86
O MSE A 153 -2.58 14.87 -9.78
CB MSE A 153 -2.42 12.14 -11.69
CG MSE A 153 -3.45 12.95 -12.45
SE MSE A 153 -2.89 13.30 -14.29
CE MSE A 153 -4.10 14.79 -14.65
N SER A 154 -4.44 13.56 -9.66
CA SER A 154 -5.36 14.60 -9.30
C SER A 154 -4.95 15.30 -8.00
N ASP A 155 -4.69 14.52 -6.94
CA ASP A 155 -4.26 15.08 -5.66
C ASP A 155 -2.93 15.81 -5.81
N ALA A 156 -2.02 15.20 -6.56
CA ALA A 156 -0.70 15.79 -6.79
C ALA A 156 -0.85 17.19 -7.40
N LEU A 157 -1.79 17.32 -8.32
CA LEU A 157 -2.04 18.62 -8.97
C LEU A 157 -2.62 19.63 -8.01
N LYS A 158 -3.59 19.19 -7.19
CA LYS A 158 -4.19 20.09 -6.18
C LYS A 158 -3.21 20.49 -5.10
N LEU A 159 -2.23 19.65 -4.84
CA LEU A 159 -1.26 19.97 -3.80
C LEU A 159 -0.23 20.97 -4.25
N ALA A 160 0.00 21.08 -5.55
CA ALA A 160 0.95 22.05 -6.08
C ALA A 160 0.17 23.23 -6.63
N ASP A 161 -1.12 23.29 -6.31
CA ASP A 161 -2.04 24.34 -6.78
C ASP A 161 -2.15 24.45 -8.29
N ILE A 162 -2.36 23.32 -8.93
CA ILE A 162 -2.45 23.28 -10.37
C ILE A 162 -3.83 22.74 -10.70
N VAL A 163 -4.52 23.42 -11.60
CA VAL A 163 -5.90 23.10 -11.92
C VAL A 163 -5.92 21.87 -12.81
N LEU A 164 -7.01 21.11 -12.76
CA LEU A 164 -7.16 19.91 -13.58
C LEU A 164 -8.55 19.94 -14.20
N PRO A 165 -8.68 20.61 -15.35
CA PRO A 165 -10.01 20.78 -15.91
C PRO A 165 -10.58 19.45 -16.38
N LYS A 166 -11.91 19.38 -16.39
CA LYS A 166 -12.66 18.20 -16.78
C LYS A 166 -12.26 17.71 -18.18
N GLU A 167 -11.78 18.63 -19.02
CA GLU A 167 -11.47 18.30 -20.40
C GLU A 167 -10.07 17.73 -20.60
N TYR A 168 -9.31 17.63 -19.50
CA TYR A 168 -8.03 16.90 -19.45
C TYR A 168 -8.16 15.52 -18.81
N ILE A 169 -9.36 15.10 -18.49
CA ILE A 169 -9.55 13.75 -18.01
C ILE A 169 -10.29 12.87 -18.99
N LEU A 170 -9.66 11.81 -19.49
CA LEU A 170 -10.22 10.96 -20.52
C LEU A 170 -10.37 9.51 -20.22
N HIS A 171 -11.52 8.94 -20.50
CA HIS A 171 -11.68 7.53 -20.41
C HIS A 171 -12.04 6.91 -21.72
N PHE A 172 -11.28 5.90 -22.08
CA PHE A 172 -11.47 5.12 -23.28
C PHE A 172 -11.13 3.73 -22.88
N ASP A 173 -11.18 2.79 -23.78
CA ASP A 173 -10.71 1.47 -23.51
C ASP A 173 -9.22 1.45 -23.72
N PHE A 174 -8.53 0.37 -23.38
CA PHE A 174 -7.11 0.35 -23.60
C PHE A 174 -6.80 -0.24 -24.91
N SER A 175 -6.46 0.60 -25.86
CA SER A 175 -6.10 0.17 -27.18
C SER A 175 -5.35 1.32 -27.76
N ARG A 176 -4.67 1.12 -28.86
CA ARG A 176 -4.03 2.22 -29.51
C ARG A 176 -5.02 3.26 -30.00
N GLU A 177 -6.13 2.85 -30.58
CA GLU A 177 -7.09 3.76 -31.15
C GLU A 177 -7.54 4.72 -30.11
N SER A 178 -7.66 4.19 -28.93
CA SER A 178 -8.04 5.02 -27.82
C SER A 178 -7.05 6.18 -27.68
N GLY A 179 -5.77 5.85 -27.74
CA GLY A 179 -4.70 6.84 -27.73
C GLY A 179 -4.82 7.85 -28.86
N GLN A 180 -5.33 7.42 -30.02
CA GLN A 180 -5.48 8.32 -31.14
C GLN A 180 -6.65 9.27 -31.00
N GLN A 181 -7.74 8.79 -30.40
CA GLN A 181 -8.93 9.64 -30.26
C GLN A 181 -8.68 10.63 -29.14
N ALA A 182 -7.94 10.18 -28.13
CA ALA A 182 -7.52 11.05 -27.05
C ALA A 182 -6.71 12.24 -27.58
N VAL A 183 -5.74 11.95 -28.45
CA VAL A 183 -4.92 13.00 -29.01
C VAL A 183 -5.79 13.93 -29.83
N GLU A 184 -6.75 13.37 -30.55
CA GLU A 184 -7.68 14.22 -31.30
C GLU A 184 -8.40 15.17 -30.36
N GLU A 185 -9.00 14.63 -29.30
CA GLU A 185 -9.69 15.41 -28.31
C GLU A 185 -8.79 16.45 -27.64
N LEU A 186 -7.66 15.98 -27.12
CA LEU A 186 -6.77 16.84 -26.34
C LEU A 186 -6.11 17.92 -27.18
N MSE A 187 -5.46 17.49 -28.25
CA MSE A 187 -4.80 18.42 -29.15
C MSE A 187 -5.80 19.33 -29.90
O MSE A 187 -5.41 20.33 -30.49
CB MSE A 187 -3.88 17.66 -30.09
CG MSE A 187 -2.43 17.67 -29.67
SE MSE A 187 -2.02 17.81 -27.75
CE MSE A 187 -0.65 19.21 -27.96
N GLY A 188 -7.08 19.00 -29.80
CA GLY A 188 -8.14 19.77 -30.43
C GLY A 188 -8.76 20.87 -29.58
N LEU A 189 -8.34 20.99 -28.34
CA LEU A 189 -8.84 22.03 -27.43
C LEU A 189 -8.21 23.37 -27.74
N GLN A 190 -8.76 24.44 -27.17
CA GLN A 190 -8.19 25.78 -27.27
C GLN A 190 -6.93 25.91 -26.45
N GLN A 191 -6.87 25.25 -25.29
CA GLN A 191 -5.67 25.26 -24.47
C GLN A 191 -5.19 23.85 -24.07
N PRO A 192 -4.54 23.13 -25.02
CA PRO A 192 -4.24 21.70 -24.81
C PRO A 192 -3.24 21.45 -23.69
N PRO A 193 -3.03 20.18 -23.31
CA PRO A 193 -2.05 19.93 -22.28
C PRO A 193 -0.66 19.92 -22.87
N THR A 194 0.36 20.12 -22.04
CA THR A 194 1.74 19.92 -22.50
C THR A 194 2.34 18.58 -22.03
N ALA A 195 1.80 17.98 -20.99
CA ALA A 195 2.19 16.62 -20.59
C ALA A 195 0.94 15.76 -20.52
N ILE A 196 1.12 14.44 -20.68
CA ILE A 196 0.05 13.46 -20.68
C ILE A 196 0.43 12.18 -19.89
N MSE A 197 -0.45 11.74 -18.99
CA MSE A 197 -0.26 10.46 -18.33
C MSE A 197 -1.25 9.44 -18.87
O MSE A 197 -2.45 9.64 -18.80
CB MSE A 197 -0.35 10.58 -16.81
CG MSE A 197 0.00 9.29 -16.04
SE MSE A 197 -0.20 9.52 -14.08
CE MSE A 197 -2.07 8.99 -13.94
N ALA A 198 -0.72 8.36 -19.40
CA ALA A 198 -1.52 7.26 -19.91
C ALA A 198 -1.44 6.13 -18.91
N THR A 199 -2.58 5.56 -18.59
CA THR A 199 -2.65 4.50 -17.58
C THR A 199 -2.29 3.12 -18.15
N ASP A 200 -1.99 3.06 -19.46
CA ASP A 200 -1.62 1.82 -20.14
C ASP A 200 -0.75 2.09 -21.39
N ASP A 201 0.35 1.35 -21.54
CA ASP A 201 1.25 1.46 -22.69
C ASP A 201 0.56 1.41 -24.05
N LEU A 202 -0.51 0.63 -24.19
CA LEU A 202 -1.23 0.60 -25.46
C LEU A 202 -1.68 2.00 -25.84
N ILE A 203 -2.19 2.73 -24.85
CA ILE A 203 -2.69 4.08 -25.02
C ILE A 203 -1.51 5.01 -25.23
N GLY A 204 -0.41 4.75 -24.55
CA GLY A 204 0.83 5.53 -24.70
C GLY A 204 1.30 5.42 -26.12
N LEU A 205 1.29 4.20 -26.65
CA LEU A 205 1.88 3.98 -27.95
C LEU A 205 1.05 4.68 -28.99
N GLY A 206 -0.27 4.66 -28.77
CA GLY A 206 -1.20 5.28 -29.68
C GLY A 206 -1.12 6.79 -29.59
N VAL A 207 -0.89 7.30 -28.39
CA VAL A 207 -0.82 8.72 -28.18
C VAL A 207 0.35 9.19 -29.04
N LEU A 208 1.51 8.56 -28.86
CA LEU A 208 2.70 8.82 -29.65
C LEU A 208 2.48 8.85 -31.16
N SER A 209 1.85 7.84 -31.72
CA SER A 209 1.72 7.85 -33.17
C SER A 209 0.81 9.00 -33.57
N ALA A 210 -0.21 9.26 -32.77
CA ALA A 210 -1.21 10.24 -33.15
C ALA A 210 -0.61 11.62 -33.10
N LEU A 211 0.20 11.84 -32.09
CA LEU A 211 0.86 13.10 -31.88
C LEU A 211 1.84 13.34 -33.02
N SER A 212 2.40 12.25 -33.54
CA SER A 212 3.36 12.35 -34.61
C SER A 212 2.68 12.47 -35.96
N LYS A 213 1.49 11.91 -36.09
CA LYS A 213 0.78 12.10 -37.34
C LYS A 213 0.40 13.58 -37.47
N LYS A 214 0.21 14.26 -36.35
CA LYS A 214 -0.17 15.68 -36.40
C LYS A 214 1.04 16.61 -36.51
N GLY A 215 2.23 16.02 -36.53
CA GLY A 215 3.47 16.74 -36.72
C GLY A 215 4.07 17.28 -35.44
N PHE A 216 3.56 16.82 -34.29
CA PHE A 216 4.21 17.16 -33.03
C PHE A 216 5.44 16.28 -32.81
N VAL A 217 6.25 16.69 -31.87
CA VAL A 217 7.41 15.92 -31.55
C VAL A 217 7.40 15.61 -30.09
N VAL A 218 7.53 14.33 -29.79
CA VAL A 218 7.73 13.93 -28.41
C VAL A 218 9.23 13.78 -28.18
N PRO A 219 9.77 14.40 -27.11
CA PRO A 219 9.03 15.13 -26.09
C PRO A 219 9.16 16.65 -26.09
N LYS A 220 9.62 17.24 -27.19
CA LYS A 220 9.79 18.67 -27.20
C LYS A 220 8.45 19.38 -27.04
N ASP A 221 7.43 18.93 -27.77
CA ASP A 221 6.12 19.57 -27.73
C ASP A 221 5.22 19.02 -26.61
N VAL A 222 5.30 17.71 -26.38
CA VAL A 222 4.43 17.07 -25.40
C VAL A 222 5.20 15.97 -24.75
N SER A 223 5.17 15.93 -23.42
CA SER A 223 5.75 14.84 -22.65
C SER A 223 4.68 13.79 -22.36
N ILE A 224 5.07 12.52 -22.42
CA ILE A 224 4.19 11.39 -22.14
C ILE A 224 4.84 10.51 -21.09
N VAL A 225 4.10 10.15 -20.04
CA VAL A 225 4.46 9.00 -19.23
C VAL A 225 3.30 8.03 -19.29
N SER A 226 3.57 6.74 -19.28
CA SER A 226 2.57 5.71 -19.31
C SER A 226 2.91 4.62 -18.32
N PHE A 227 2.14 3.58 -18.29
CA PHE A 227 2.28 2.55 -17.29
C PHE A 227 2.42 1.19 -17.87
N ASN A 228 3.08 0.31 -17.15
CA ASN A 228 3.25 -1.09 -17.47
C ASN A 228 4.44 -1.63 -18.22
N ASN A 229 5.32 -0.84 -18.78
CA ASN A 229 6.50 -1.44 -19.32
C ASN A 229 6.41 -2.53 -20.35
N ALA A 230 5.53 -2.38 -21.29
CA ALA A 230 5.42 -3.35 -22.34
C ALA A 230 6.63 -3.36 -23.16
N LEU A 231 6.97 -4.50 -23.68
CA LEU A 231 8.17 -4.63 -24.43
C LEU A 231 8.11 -3.65 -25.52
N LEU A 232 6.94 -3.37 -25.98
CA LEU A 232 6.78 -2.41 -27.07
C LEU A 232 7.21 -1.00 -26.67
N SER A 233 7.05 -0.68 -25.40
CA SER A 233 7.43 0.63 -24.91
C SER A 233 8.94 0.87 -25.02
N GLU A 234 9.74 -0.21 -24.99
CA GLU A 234 11.21 -0.12 -25.00
C GLU A 234 11.75 0.33 -26.35
N ILE A 235 10.96 0.06 -27.37
CA ILE A 235 11.40 0.13 -28.75
C ILE A 235 10.61 1.17 -29.57
N ALA A 236 9.73 1.86 -28.89
CA ALA A 236 8.94 2.87 -29.49
C ALA A 236 9.88 3.94 -29.80
N SER A 237 9.56 4.76 -30.77
CA SER A 237 10.44 5.85 -31.01
C SER A 237 9.73 7.09 -30.68
N PRO A 238 10.29 7.88 -29.77
CA PRO A 238 11.38 7.51 -28.91
C PRO A 238 10.87 6.61 -27.86
N PRO A 239 11.72 5.86 -27.21
CA PRO A 239 11.25 4.96 -26.19
C PRO A 239 10.48 5.65 -25.10
N LEU A 240 9.40 5.04 -24.69
CA LEU A 240 8.47 5.58 -23.71
C LEU A 240 8.80 5.51 -22.27
N SER A 241 8.71 6.61 -21.56
CA SER A 241 8.81 6.58 -20.13
C SER A 241 7.60 5.88 -19.64
N THR A 242 7.76 5.00 -18.70
CA THR A 242 6.66 4.16 -18.34
C THR A 242 6.84 3.70 -16.96
N VAL A 243 5.82 3.26 -16.28
CA VAL A 243 6.08 2.80 -14.96
C VAL A 243 6.05 1.31 -14.97
N ASP A 244 7.12 0.68 -14.52
CA ASP A 244 7.19 -0.74 -14.46
C ASP A 244 6.50 -1.07 -13.22
N VAL A 245 5.65 -2.03 -13.32
CA VAL A 245 4.61 -2.29 -12.37
C VAL A 245 4.73 -3.79 -12.02
N ASN A 246 5.76 -4.43 -12.56
CA ASN A 246 6.14 -5.79 -12.17
C ASN A 246 5.08 -6.85 -12.36
N ILE A 247 4.46 -6.83 -13.54
CA ILE A 247 3.32 -7.64 -13.87
C ILE A 247 3.51 -9.09 -13.43
N TYR A 248 4.68 -9.65 -13.70
CA TYR A 248 4.94 -11.05 -13.45
C TYR A 248 4.75 -11.33 -11.96
N GLN A 249 5.30 -10.47 -11.12
CA GLN A 249 5.28 -10.70 -9.69
C GLN A 249 3.84 -10.52 -9.16
N LEU A 250 3.07 -9.63 -9.80
CA LEU A 250 1.66 -9.51 -9.49
C LEU A 250 1.03 -10.87 -9.65
N GLY A 251 1.35 -11.57 -10.74
CA GLY A 251 0.74 -12.85 -11.08
C GLY A 251 1.17 -13.93 -10.13
N TYR A 252 2.47 -13.98 -9.88
CA TYR A 252 3.09 -15.05 -9.12
C TYR A 252 2.54 -14.98 -7.72
N GLU A 253 2.65 -13.78 -7.16
CA GLU A 253 2.14 -13.52 -5.84
C GLU A 253 0.62 -13.72 -5.72
N ALA A 254 -0.15 -13.36 -6.75
CA ALA A 254 -1.59 -13.65 -6.68
C ALA A 254 -1.85 -15.15 -6.49
N ALA A 255 -1.22 -15.98 -7.33
CA ALA A 255 -1.38 -17.45 -7.27
C ALA A 255 -0.93 -18.04 -5.95
N LYS A 256 0.18 -17.53 -5.44
CA LYS A 256 0.72 -17.99 -4.15
C LYS A 256 -0.26 -17.68 -3.03
N ALA A 257 -0.93 -16.52 -3.13
CA ALA A 257 -1.91 -16.13 -2.14
C ALA A 257 -3.17 -17.00 -2.23
N LEU A 258 -3.57 -17.36 -3.45
CA LEU A 258 -4.79 -18.14 -3.66
C LEU A 258 -4.63 -19.56 -3.17
N VAL A 259 -3.51 -20.20 -3.52
CA VAL A 259 -3.27 -21.58 -3.16
C VAL A 259 -3.20 -21.68 -1.64
N ASP A 260 -2.59 -20.69 -1.02
CA ASP A 260 -2.52 -20.64 0.44
C ASP A 260 -3.95 -20.62 0.97
N LYS A 261 -4.75 -19.70 0.45
CA LYS A 261 -6.16 -19.57 0.80
C LYS A 261 -6.91 -20.88 0.59
N VAL A 262 -6.62 -21.53 -0.51
CA VAL A 262 -7.28 -22.77 -0.77
C VAL A 262 -6.81 -23.89 0.07
N GLU A 263 -5.53 -24.14 0.08
CA GLU A 263 -5.10 -25.16 0.98
C GLU A 263 -5.21 -24.99 2.47
N ASN A 264 -4.85 -23.85 3.01
CA ASN A 264 -5.04 -23.71 4.43
C ASN A 264 -6.42 -23.71 4.96
N ALA A 265 -7.27 -23.01 4.27
CA ALA A 265 -8.68 -23.17 4.24
C ALA A 265 -9.21 -22.50 5.44
N GLU A 266 -8.35 -21.95 6.27
CA GLU A 266 -8.85 -21.11 7.30
C GLU A 266 -8.03 -19.97 6.93
N SER A 267 -8.59 -18.80 6.76
CA SER A 267 -7.69 -17.81 6.29
C SER A 267 -7.95 -16.42 6.73
N THR A 268 -6.90 -15.65 6.67
CA THR A 268 -7.03 -14.26 6.96
C THR A 268 -6.78 -13.53 5.67
N ALA A 269 -7.54 -12.47 5.48
CA ALA A 269 -7.41 -11.65 4.33
C ALA A 269 -6.42 -10.53 4.51
N LYS A 270 -5.45 -10.51 3.63
CA LYS A 270 -4.39 -9.53 3.58
C LYS A 270 -4.36 -8.90 2.19
N CYS A 271 -3.57 -7.85 2.06
CA CYS A 271 -3.28 -7.22 0.79
C CYS A 271 -1.77 -7.31 0.55
N ILE A 272 -1.36 -7.57 -0.69
CA ILE A 272 0.07 -7.68 -1.02
C ILE A 272 0.48 -6.61 -2.03
N ILE A 273 1.42 -5.74 -1.66
CA ILE A 273 1.78 -4.63 -2.53
C ILE A 273 3.12 -4.87 -3.21
N ILE A 274 3.09 -5.00 -4.54
CA ILE A 274 4.28 -5.28 -5.34
C ILE A 274 4.88 -3.94 -5.77
N PRO A 275 6.21 -3.77 -5.67
CA PRO A 275 6.81 -2.50 -6.02
C PRO A 275 6.69 -2.16 -7.49
N HIS A 276 6.57 -0.86 -7.74
CA HIS A 276 6.59 -0.28 -9.06
C HIS A 276 7.87 0.55 -9.21
N LYS A 277 8.21 0.92 -10.44
CA LYS A 277 9.39 1.75 -10.72
C LYS A 277 9.12 2.64 -11.92
N LEU A 278 9.32 3.93 -11.75
CA LEU A 278 9.20 4.84 -12.85
C LEU A 278 10.45 4.81 -13.72
N LEU A 279 10.36 4.36 -14.95
CA LEU A 279 11.51 4.34 -15.81
C LEU A 279 11.43 5.49 -16.70
N LYS A 280 12.34 6.42 -16.60
CA LYS A 280 12.29 7.54 -17.47
C LYS A 280 13.13 7.21 -18.63
N ARG A 281 12.50 7.12 -19.78
CA ARG A 281 13.26 6.85 -20.95
C ARG A 281 13.38 8.11 -21.74
N GLN A 282 12.80 8.15 -22.91
CA GLN A 282 12.87 9.31 -23.76
C GLN A 282 11.70 10.23 -24.08
N THR A 283 10.59 10.12 -23.41
CA THR A 283 9.44 10.88 -23.80
C THR A 283 9.15 12.05 -22.94
N CYS A 284 10.09 12.44 -22.13
CA CYS A 284 9.89 13.58 -21.27
C CYS A 284 10.97 14.65 -21.38
N GLU A 285 10.56 15.90 -21.40
CA GLU A 285 11.47 17.02 -21.48
C GLU A 285 11.12 18.10 -20.50
N GLY A 286 12.06 18.97 -20.23
CA GLY A 286 11.84 20.06 -19.32
C GLY A 286 10.89 21.07 -19.89
N HIS A 287 10.13 21.70 -19.01
CA HIS A 287 9.30 22.79 -19.42
C HIS A 287 9.55 24.22 -18.96
N HIS A 288 10.67 24.54 -18.35
CA HIS A 288 10.77 25.90 -17.84
C HIS A 288 11.66 26.82 -18.64
N ASN B 5 15.35 -37.01 9.94
CA ASN B 5 15.51 -36.28 11.22
C ASN B 5 15.73 -34.77 11.02
N GLN B 6 16.90 -34.27 11.45
CA GLN B 6 17.39 -32.93 11.08
C GLN B 6 16.59 -31.63 11.32
N THR B 7 16.01 -31.39 12.49
CA THR B 7 15.27 -30.12 12.66
C THR B 7 15.71 -29.16 13.79
N THR B 8 15.98 -27.90 13.51
CA THR B 8 16.13 -26.93 14.60
C THR B 8 14.94 -26.01 14.91
N LYS B 9 14.36 -25.41 13.88
CA LYS B 9 13.16 -24.55 13.92
C LYS B 9 12.87 -23.28 14.74
N THR B 10 13.77 -22.34 14.89
CA THR B 10 13.42 -21.17 15.64
C THR B 10 13.66 -19.83 14.96
N LEU B 11 12.85 -18.83 15.29
CA LEU B 11 12.97 -17.49 14.73
C LEU B 11 13.55 -16.49 15.67
N GLY B 12 14.21 -15.48 15.16
CA GLY B 12 14.86 -14.51 16.03
C GLY B 12 14.20 -13.15 16.02
N LEU B 13 13.86 -12.64 17.20
CA LEU B 13 13.23 -11.34 17.28
C LEU B 13 14.25 -10.37 17.74
N VAL B 14 14.51 -9.36 16.91
CA VAL B 14 15.41 -8.30 17.31
C VAL B 14 14.62 -7.31 18.16
N MSE B 15 14.81 -7.41 19.47
CA MSE B 15 14.07 -6.60 20.43
C MSE B 15 14.66 -5.20 20.58
O MSE B 15 15.84 -4.98 20.25
CB MSE B 15 14.05 -7.28 21.79
CG MSE B 15 12.67 -7.28 22.35
SE MSE B 15 11.75 -8.97 21.98
CE MSE B 15 12.06 -9.77 23.76
N PRO B 16 13.87 -4.27 21.08
CA PRO B 16 14.39 -2.94 21.46
C PRO B 16 15.19 -2.98 22.76
N SER B 17 15.90 -1.88 23.05
CA SER B 17 16.65 -1.74 24.30
C SER B 17 15.74 -1.99 25.50
N SER B 18 16.25 -2.69 26.51
CA SER B 18 15.49 -2.98 27.74
C SER B 18 15.20 -1.67 28.51
N ALA B 19 16.15 -0.73 28.42
CA ALA B 19 16.04 0.58 29.06
C ALA B 19 15.45 1.68 28.17
N SER B 20 15.04 1.30 26.95
CA SER B 20 14.33 2.19 26.02
C SER B 20 12.90 2.38 26.48
N LYS B 21 12.30 3.50 26.06
CA LYS B 21 10.89 3.80 26.30
C LYS B 21 10.00 2.88 25.45
N ALA B 22 10.56 2.37 24.36
CA ALA B 22 9.82 1.53 23.40
C ALA B 22 9.50 0.13 23.94
N PHE B 23 10.43 -0.49 24.68
CA PHE B 23 10.20 -1.81 25.30
C PHE B 23 8.87 -1.90 26.04
N GLN B 24 8.53 -0.79 26.71
CA GLN B 24 7.37 -0.68 27.59
C GLN B 24 6.12 -0.22 26.86
N ASN B 25 6.27 0.14 25.60
CA ASN B 25 5.15 0.48 24.77
C ASN B 25 4.34 -0.78 24.42
N PRO B 26 3.01 -0.73 24.57
CA PRO B 26 2.14 -1.87 24.36
C PRO B 26 2.22 -2.48 22.95
N PHE B 27 2.77 -1.74 21.99
CA PHE B 27 2.86 -2.20 20.62
C PHE B 27 3.61 -3.54 20.58
N PHE B 28 4.74 -3.62 21.28
CA PHE B 28 5.55 -4.84 21.27
C PHE B 28 4.91 -6.10 21.87
N PRO B 29 4.38 -6.05 23.08
CA PRO B 29 3.70 -7.28 23.45
C PRO B 29 2.73 -7.77 22.38
N GLU B 30 1.94 -6.85 21.83
CA GLU B 30 0.90 -7.23 20.90
C GLU B 30 1.53 -7.74 19.60
N VAL B 31 2.65 -7.18 19.20
CA VAL B 31 3.25 -7.68 17.98
C VAL B 31 3.82 -9.09 18.20
N ILE B 32 4.41 -9.33 19.36
CA ILE B 32 4.90 -10.65 19.73
C ILE B 32 3.75 -11.67 19.82
N ARG B 33 2.58 -11.22 20.28
CA ARG B 33 1.41 -12.11 20.33
C ARG B 33 1.19 -12.74 18.98
N GLY B 34 1.09 -11.90 17.95
CA GLY B 34 0.88 -12.32 16.56
C GLY B 34 1.97 -13.25 16.10
N ILE B 35 3.21 -12.85 16.38
CA ILE B 35 4.36 -13.63 15.95
C ILE B 35 4.32 -15.01 16.55
N SER B 36 4.03 -15.12 17.84
CA SER B 36 4.02 -16.44 18.49
C SER B 36 2.87 -17.29 17.98
N SER B 37 1.71 -16.64 17.91
CA SER B 37 0.49 -17.24 17.38
C SER B 37 0.63 -17.92 16.03
N PHE B 38 1.25 -17.27 15.06
CA PHE B 38 1.55 -17.96 13.79
C PHE B 38 2.70 -18.94 13.94
N ALA B 39 3.77 -18.51 14.60
CA ALA B 39 4.93 -19.38 14.82
C ALA B 39 4.52 -20.78 15.29
N HIS B 40 3.45 -20.81 16.06
CA HIS B 40 2.96 -22.03 16.68
C HIS B 40 2.42 -23.02 15.66
N VAL B 41 1.87 -22.48 14.56
CA VAL B 41 1.29 -23.26 13.48
C VAL B 41 2.36 -24.09 12.79
N GLU B 42 3.56 -23.55 12.68
CA GLU B 42 4.62 -24.30 12.04
C GLU B 42 5.64 -24.85 13.06
N GLY B 43 5.37 -24.71 14.35
CA GLY B 43 6.30 -25.22 15.36
C GLY B 43 7.64 -24.50 15.48
N TYR B 44 7.63 -23.19 15.26
CA TYR B 44 8.83 -22.38 15.46
C TYR B 44 8.84 -21.79 16.89
N ALA B 45 9.97 -21.89 17.56
CA ALA B 45 10.17 -21.22 18.84
C ALA B 45 10.69 -19.83 18.58
N LEU B 46 10.70 -19.00 19.62
CA LEU B 46 11.15 -17.65 19.49
C LEU B 46 12.37 -17.45 20.34
N TYR B 47 13.39 -16.82 19.75
CA TYR B 47 14.59 -16.44 20.43
C TYR B 47 14.68 -14.93 20.34
N MSE B 48 15.01 -14.29 21.45
CA MSE B 48 15.07 -12.84 21.57
C MSE B 48 16.39 -12.29 22.05
O MSE B 48 17.00 -12.81 22.91
CB MSE B 48 13.98 -12.35 22.49
CG MSE B 48 12.72 -13.16 22.39
SE MSE B 48 11.34 -12.76 23.59
CE MSE B 48 11.00 -14.50 24.05
N SER B 49 16.81 -11.20 21.43
CA SER B 49 17.97 -10.45 21.78
C SER B 49 17.84 -9.71 23.07
N THR B 50 18.89 -9.64 23.87
CA THR B 50 18.91 -8.85 25.08
C THR B 50 19.70 -7.57 25.21
N GLY B 51 20.26 -7.04 24.15
CA GLY B 51 21.12 -5.88 24.24
C GLY B 51 20.53 -4.53 24.60
N GLU B 52 21.31 -3.66 25.20
CA GLU B 52 20.81 -2.34 25.49
C GLU B 52 21.27 -1.27 24.53
N THR B 53 22.55 -1.19 24.28
CA THR B 53 23.14 -0.27 23.31
C THR B 53 23.01 -0.77 21.86
N GLU B 54 23.22 0.13 20.91
CA GLU B 54 23.12 -0.19 19.47
C GLU B 54 24.15 -1.21 19.01
N GLU B 55 25.35 -1.16 19.59
CA GLU B 55 26.40 -2.13 19.29
C GLU B 55 26.09 -3.52 19.85
N GLU B 56 25.61 -3.58 21.09
CA GLU B 56 25.25 -4.84 21.73
C GLU B 56 24.17 -5.56 20.93
N ILE B 57 23.16 -4.82 20.49
CA ILE B 57 22.09 -5.39 19.67
C ILE B 57 22.68 -5.96 18.39
N PHE B 58 23.54 -5.18 17.75
CA PHE B 58 24.16 -5.62 16.52
C PHE B 58 24.94 -6.91 16.74
N ASN B 59 25.68 -6.97 17.85
CA ASN B 59 26.45 -8.16 18.20
C ASN B 59 25.54 -9.35 18.29
N GLY B 60 24.40 -9.17 18.96
CA GLY B 60 23.43 -10.21 19.18
C GLY B 60 23.02 -10.86 17.87
N VAL B 61 22.66 -10.03 16.89
CA VAL B 61 22.28 -10.50 15.59
C VAL B 61 23.41 -11.33 15.00
N VAL B 62 24.62 -10.78 15.05
CA VAL B 62 25.79 -11.51 14.55
C VAL B 62 25.88 -12.88 15.22
N LYS B 63 25.65 -12.93 16.53
CA LYS B 63 25.62 -14.21 17.25
C LYS B 63 24.53 -15.17 16.73
N MSE B 64 23.37 -14.62 16.40
CA MSE B 64 22.22 -15.42 15.95
C MSE B 64 22.53 -16.15 14.66
O MSE B 64 22.35 -17.37 14.56
CB MSE B 64 20.99 -14.55 15.76
CG MSE B 64 20.45 -13.88 17.01
SE MSE B 64 18.83 -12.81 16.67
CE MSE B 64 17.78 -14.19 15.79
N VAL B 65 22.99 -15.40 13.69
CA VAL B 65 23.36 -15.94 12.42
C VAL B 65 24.52 -16.86 12.48
N GLN B 66 25.53 -16.46 13.18
CA GLN B 66 26.70 -17.26 13.27
C GLN B 66 26.41 -18.57 13.92
N GLY B 67 25.58 -18.60 14.92
CA GLY B 67 25.26 -19.83 15.60
C GLY B 67 24.61 -20.80 14.67
N ARG B 68 23.74 -20.34 13.81
CA ARG B 68 23.19 -21.18 12.79
C ARG B 68 22.06 -22.05 13.26
N GLN B 69 21.70 -21.89 14.51
CA GLN B 69 20.47 -22.38 15.10
C GLN B 69 19.16 -21.78 14.60
N ILE B 70 19.17 -20.48 14.38
CA ILE B 70 18.00 -19.71 14.03
C ILE B 70 17.74 -19.59 12.57
N GLY B 71 16.51 -19.85 12.16
CA GLY B 71 16.15 -19.93 10.74
C GLY B 71 16.06 -18.59 10.03
N GLY B 72 15.48 -17.60 10.71
CA GLY B 72 15.23 -16.28 10.14
C GLY B 72 15.07 -15.29 11.27
N ILE B 73 15.00 -14.00 10.92
CA ILE B 73 14.98 -12.93 11.89
C ILE B 73 13.84 -11.98 11.59
N ILE B 74 13.21 -11.44 12.64
CA ILE B 74 12.21 -10.42 12.47
C ILE B 74 12.77 -9.19 13.10
N LEU B 75 12.70 -8.05 12.42
CA LEU B 75 13.12 -6.80 13.01
C LEU B 75 11.89 -6.06 13.49
N LEU B 76 11.82 -5.86 14.80
CA LEU B 76 10.62 -5.30 15.41
C LEU B 76 10.53 -3.80 15.20
N TYR B 77 11.68 -3.15 15.04
CA TYR B 77 11.70 -1.72 14.82
C TYR B 77 12.56 -1.33 13.63
N SER B 78 12.32 -0.13 13.11
CA SER B 78 12.94 0.35 11.88
C SER B 78 13.90 1.52 12.16
N ARG B 79 15.20 1.28 12.08
CA ARG B 79 16.19 2.37 12.24
C ARG B 79 16.77 2.87 10.91
N GLU B 80 17.01 4.18 10.84
CA GLU B 80 17.55 4.81 9.63
C GLU B 80 19.06 4.57 9.50
N ASN B 81 19.55 4.56 8.25
CA ASN B 81 20.94 4.16 7.95
C ASN B 81 21.26 2.72 8.42
N ASP B 82 20.21 1.93 8.65
CA ASP B 82 20.28 0.66 9.40
C ASP B 82 21.46 -0.25 9.10
N ARG B 83 22.18 -0.59 10.15
CA ARG B 83 23.36 -1.43 10.05
C ARG B 83 22.98 -2.91 9.96
N ILE B 84 22.07 -3.35 10.83
CA ILE B 84 21.64 -4.76 10.89
C ILE B 84 21.08 -5.24 9.55
N ILE B 85 20.24 -4.40 8.95
CA ILE B 85 19.68 -4.71 7.65
C ILE B 85 20.82 -4.96 6.67
N GLN B 86 21.76 -4.01 6.61
CA GLN B 86 22.96 -4.16 5.81
C GLN B 86 23.63 -5.53 6.04
N TYR B 87 23.95 -5.86 7.29
CA TYR B 87 24.67 -7.11 7.58
C TYR B 87 23.88 -8.35 7.14
N LEU B 88 22.58 -8.31 7.36
CA LEU B 88 21.68 -9.41 7.04
C LEU B 88 21.64 -9.66 5.55
N HIS B 89 21.54 -8.57 4.80
CA HIS B 89 21.42 -8.60 3.35
C HIS B 89 22.73 -9.19 2.80
N GLU B 90 23.85 -8.78 3.38
CA GLU B 90 25.16 -9.29 3.00
C GLU B 90 25.35 -10.78 3.30
N GLN B 91 24.85 -11.23 4.43
CA GLN B 91 24.97 -12.65 4.84
C GLN B 91 23.99 -13.56 4.13
N ASN B 92 23.15 -12.96 3.29
CA ASN B 92 22.06 -13.64 2.59
C ASN B 92 21.09 -14.30 3.56
N PHE B 93 20.80 -13.60 4.66
CA PHE B 93 19.97 -14.14 5.73
C PHE B 93 18.51 -13.68 5.63
N PRO B 94 17.57 -14.64 5.61
CA PRO B 94 16.16 -14.31 5.50
C PRO B 94 15.67 -13.53 6.70
N PHE B 95 15.13 -12.33 6.46
CA PHE B 95 14.54 -11.53 7.51
C PHE B 95 13.31 -10.81 7.04
N VAL B 96 12.49 -10.35 7.97
CA VAL B 96 11.28 -9.59 7.65
C VAL B 96 11.26 -8.39 8.59
N LEU B 97 10.57 -7.33 8.20
CA LEU B 97 10.59 -6.13 9.01
C LEU B 97 9.20 -5.57 9.28
N ILE B 98 8.88 -5.37 10.56
CA ILE B 98 7.67 -4.66 10.92
C ILE B 98 7.92 -3.16 10.72
N GLY B 99 7.03 -2.50 9.97
CA GLY B 99 7.22 -1.11 9.58
C GLY B 99 7.93 -0.91 8.26
N LYS B 100 7.67 0.21 7.66
CA LYS B 100 8.33 0.59 6.46
C LYS B 100 9.73 0.90 6.81
N PRO B 101 10.60 0.75 5.85
CA PRO B 101 12.02 0.90 6.02
C PRO B 101 12.29 2.07 5.15
N TYR B 102 13.16 2.99 5.50
CA TYR B 102 13.19 4.14 4.67
C TYR B 102 13.57 3.92 3.23
N ASP B 103 14.52 3.03 3.03
CA ASP B 103 15.19 2.83 1.77
C ASP B 103 15.18 1.38 1.41
N ARG B 104 15.28 1.06 0.14
CA ARG B 104 15.21 -0.32 -0.34
C ARG B 104 13.90 -1.02 -0.04
N LYS B 105 12.83 -0.28 -0.08
CA LYS B 105 11.53 -0.81 0.26
C LYS B 105 11.37 -1.87 -0.77
N ASP B 106 11.84 -1.57 -1.93
CA ASP B 106 11.82 -2.48 -3.03
C ASP B 106 12.65 -3.72 -2.74
N GLU B 107 13.71 -3.60 -1.95
CA GLU B 107 14.55 -4.77 -1.68
C GLU B 107 14.31 -5.59 -0.41
N ILE B 108 13.43 -5.10 0.43
CA ILE B 108 13.02 -5.77 1.65
C ILE B 108 11.59 -6.24 1.74
N THR B 109 11.30 -7.26 2.56
CA THR B 109 9.92 -7.67 2.77
C THR B 109 9.48 -7.17 4.12
N TYR B 110 8.40 -6.41 4.09
CA TYR B 110 7.93 -5.83 5.30
C TYR B 110 6.43 -5.84 5.39
N VAL B 111 5.98 -5.45 6.56
CA VAL B 111 4.60 -5.60 6.93
C VAL B 111 4.25 -4.24 7.49
N ASP B 112 3.08 -3.72 7.13
CA ASP B 112 2.74 -2.35 7.51
C ASP B 112 1.22 -2.08 7.53
N ASN B 113 0.88 -0.93 8.09
CA ASN B 113 -0.45 -0.36 7.93
C ASN B 113 -0.38 0.72 6.87
N ASP B 114 -1.50 1.08 6.27
CA ASP B 114 -1.47 2.20 5.36
C ASP B 114 -1.60 3.39 6.21
N ASN B 115 -0.53 3.76 6.84
CA ASN B 115 -0.53 4.88 7.70
C ASN B 115 -0.82 6.15 7.01
N TYR B 116 -0.31 6.36 5.83
CA TYR B 116 -0.65 7.61 5.23
C TYR B 116 -2.12 7.70 5.00
N THR B 117 -2.75 6.67 4.54
CA THR B 117 -4.15 6.75 4.35
C THR B 117 -4.89 6.96 5.64
N ALA B 118 -4.47 6.30 6.68
CA ALA B 118 -5.22 6.36 7.88
C ALA B 118 -5.24 7.75 8.39
N ALA B 119 -4.13 8.43 8.32
CA ALA B 119 -4.07 9.80 8.75
C ALA B 119 -4.97 10.65 7.91
N ARG B 120 -5.00 10.41 6.62
CA ARG B 120 -5.89 11.19 5.83
C ARG B 120 -7.31 10.94 6.28
N GLU B 121 -7.64 9.70 6.55
CA GLU B 121 -8.99 9.36 6.91
C GLU B 121 -9.38 10.02 8.19
N VAL B 122 -8.45 10.06 9.11
CA VAL B 122 -8.74 10.67 10.36
C VAL B 122 -9.06 12.10 10.17
N ALA B 123 -8.31 12.78 9.33
CA ALA B 123 -8.45 14.22 9.13
C ALA B 123 -9.81 14.54 8.54
N GLU B 124 -10.18 13.82 7.49
CA GLU B 124 -11.47 14.02 6.80
C GLU B 124 -12.63 13.82 7.77
N TYR B 125 -12.44 12.93 8.73
CA TYR B 125 -13.42 12.77 9.81
C TYR B 125 -13.58 14.04 10.63
N LEU B 126 -12.49 14.58 11.09
CA LEU B 126 -12.53 15.74 11.92
C LEU B 126 -13.11 16.91 11.15
N ILE B 127 -12.73 17.03 9.90
CA ILE B 127 -13.22 18.11 9.12
C ILE B 127 -14.69 17.92 9.05
N SER B 128 -15.13 16.71 8.91
CA SER B 128 -16.52 16.52 8.72
C SER B 128 -17.12 17.05 9.97
N LEU B 129 -16.52 16.79 11.11
CA LEU B 129 -17.10 17.38 12.28
C LEU B 129 -16.94 18.83 11.98
N GLY B 130 -15.90 19.09 11.22
CA GLY B 130 -15.59 20.41 10.78
C GLY B 130 -14.82 21.10 11.86
N HIS B 131 -13.54 20.84 11.98
CA HIS B 131 -12.76 21.49 12.98
C HIS B 131 -11.81 22.36 12.21
N LYS B 132 -11.80 23.64 12.51
CA LYS B 132 -10.90 24.57 11.87
C LYS B 132 -9.45 24.35 12.14
N GLN B 133 -9.11 24.07 13.37
CA GLN B 133 -7.71 23.92 13.69
C GLN B 133 -7.45 22.55 14.23
N ILE B 134 -6.48 21.86 13.65
CA ILE B 134 -6.14 20.52 14.08
C ILE B 134 -4.69 20.40 14.37
N ALA B 135 -4.35 19.79 15.48
CA ALA B 135 -2.96 19.66 15.81
C ALA B 135 -2.55 18.23 15.87
N PHE B 136 -1.25 18.07 15.81
CA PHE B 136 -0.58 16.77 15.66
C PHE B 136 0.58 16.61 16.64
N ILE B 137 0.56 15.52 17.38
CA ILE B 137 1.69 15.16 18.23
C ILE B 137 2.19 13.78 17.84
N GLY B 138 3.46 13.74 17.56
CA GLY B 138 4.10 12.56 17.12
C GLY B 138 5.26 12.18 17.97
N GLY B 139 5.59 10.93 17.82
CA GLY B 139 6.70 10.27 18.41
C GLY B 139 7.76 10.89 17.59
N GLY B 140 8.98 10.84 18.02
CA GLY B 140 10.02 11.60 17.40
C GLY B 140 10.22 11.17 15.97
N SER B 141 10.57 12.19 15.21
CA SER B 141 10.39 12.52 13.83
C SER B 141 11.01 11.55 12.84
N ASP B 142 12.16 11.03 13.15
CA ASP B 142 12.79 10.16 12.20
C ASP B 142 11.94 8.94 11.91
N LEU B 143 11.28 8.33 12.87
CA LEU B 143 10.61 7.11 12.50
C LEU B 143 9.60 7.41 11.46
N LEU B 144 9.50 6.53 10.49
CA LEU B 144 8.61 6.72 9.38
C LEU B 144 7.18 6.75 9.75
N VAL B 145 6.77 5.94 10.66
CA VAL B 145 5.39 5.86 10.92
C VAL B 145 4.94 7.23 11.27
N THR B 146 5.75 7.97 12.01
CA THR B 146 5.44 9.35 12.32
C THR B 146 5.40 10.19 11.06
N ARG B 147 6.41 10.05 10.21
CA ARG B 147 6.47 10.87 9.00
C ARG B 147 5.24 10.67 8.14
N ASP B 148 4.80 9.41 7.99
CA ASP B 148 3.64 9.06 7.18
C ASP B 148 2.34 9.59 7.77
N ARG B 149 2.16 9.37 9.07
CA ARG B 149 0.97 9.87 9.74
C ARG B 149 0.93 11.41 9.72
N LEU B 150 2.09 12.04 9.75
CA LEU B 150 2.17 13.50 9.58
C LEU B 150 1.66 13.87 8.19
N ALA B 151 2.30 13.27 7.18
CA ALA B 151 2.02 13.57 5.78
C ALA B 151 0.54 13.37 5.43
N GLY B 152 -0.03 12.26 5.88
CA GLY B 152 -1.44 11.95 5.66
C GLY B 152 -2.33 13.10 6.06
N MSE B 153 -2.12 13.60 7.28
CA MSE B 153 -2.96 14.66 7.82
C MSE B 153 -2.68 16.00 7.15
O MSE B 153 -3.59 16.68 6.69
CB MSE B 153 -2.71 14.76 9.33
CG MSE B 153 -3.77 15.55 10.04
SE MSE B 153 -3.25 16.29 11.77
CE MSE B 153 -4.92 15.87 12.69
N SER B 154 -1.41 16.38 7.09
CA SER B 154 -0.96 17.60 6.43
C SER B 154 -1.51 17.75 5.00
N ASP B 155 -1.75 16.60 4.34
CA ASP B 155 -2.33 16.57 3.00
C ASP B 155 -3.84 16.76 3.02
N ALA B 156 -4.50 16.08 3.90
CA ALA B 156 -5.92 16.20 3.93
C ALA B 156 -6.22 17.61 4.27
N LEU B 157 -5.47 18.21 5.17
CA LEU B 157 -5.76 19.58 5.46
C LEU B 157 -5.54 20.47 4.28
N LYS B 158 -4.47 20.24 3.57
CA LYS B 158 -4.14 21.10 2.48
C LYS B 158 -5.19 21.02 1.43
N LEU B 159 -5.68 19.83 1.19
CA LEU B 159 -6.72 19.61 0.23
C LEU B 159 -7.93 20.32 0.70
N ALA B 160 -8.12 20.25 1.99
CA ALA B 160 -9.18 20.91 2.72
C ALA B 160 -9.04 22.39 2.58
N ASP B 161 -7.81 22.84 2.59
CA ASP B 161 -7.47 24.25 2.67
C ASP B 161 -7.35 24.82 4.02
N ILE B 162 -7.48 23.96 5.01
CA ILE B 162 -7.14 24.30 6.36
C ILE B 162 -5.66 24.42 6.42
N VAL B 163 -5.18 25.20 7.36
CA VAL B 163 -3.80 25.60 7.43
C VAL B 163 -3.05 25.05 8.62
N LEU B 164 -1.82 24.63 8.42
CA LEU B 164 -1.06 24.08 9.51
C LEU B 164 0.10 24.94 9.88
N PRO B 165 0.08 25.36 11.12
CA PRO B 165 0.97 26.34 11.71
C PRO B 165 2.42 26.04 11.76
N LYS B 166 2.73 24.81 12.09
CA LYS B 166 4.05 24.40 12.40
C LYS B 166 4.15 24.58 13.84
N GLU B 167 3.15 25.19 14.42
CA GLU B 167 2.99 25.09 15.83
C GLU B 167 1.95 24.12 16.24
N TYR B 168 1.29 23.52 15.27
CA TYR B 168 0.29 22.53 15.61
C TYR B 168 0.96 21.18 15.58
N ILE B 169 2.23 21.22 15.30
CA ILE B 169 3.04 20.07 15.07
C ILE B 169 4.02 19.85 16.16
N LEU B 170 4.05 18.67 16.72
CA LEU B 170 4.99 18.42 17.78
C LEU B 170 5.66 17.09 17.67
N HIS B 171 6.78 16.95 18.34
CA HIS B 171 7.47 15.71 18.25
C HIS B 171 8.18 15.09 19.43
N PHE B 172 7.51 14.51 20.41
CA PHE B 172 8.27 13.96 21.51
C PHE B 172 8.11 12.56 22.13
N ASP B 173 8.64 11.56 21.45
CA ASP B 173 8.99 10.27 22.04
C ASP B 173 8.05 9.26 22.69
N PHE B 174 6.79 9.16 22.31
CA PHE B 174 6.03 8.03 22.78
C PHE B 174 5.93 7.75 24.25
N SER B 175 5.73 8.77 25.06
CA SER B 175 5.64 8.59 26.51
C SER B 175 4.41 9.27 27.02
N ARG B 176 3.89 8.80 28.13
CA ARG B 176 2.74 9.42 28.75
C ARG B 176 3.10 10.83 29.16
N GLU B 177 4.32 10.99 29.63
CA GLU B 177 4.92 12.28 30.01
C GLU B 177 4.97 13.28 28.83
N SER B 178 5.43 12.78 27.68
CA SER B 178 5.43 13.52 26.41
C SER B 178 4.06 14.16 26.05
N GLY B 179 2.99 13.38 26.18
CA GLY B 179 1.64 13.85 25.93
C GLY B 179 1.15 14.88 26.94
N GLN B 180 1.80 14.92 28.11
CA GLN B 180 1.45 15.88 29.16
C GLN B 180 1.96 17.29 28.81
N GLN B 181 3.23 17.37 28.42
CA GLN B 181 3.95 18.63 28.18
C GLN B 181 3.52 19.29 26.87
N ALA B 182 2.84 18.51 26.03
CA ALA B 182 2.31 18.99 24.78
C ALA B 182 1.01 19.76 24.99
N VAL B 183 0.11 19.21 25.82
CA VAL B 183 -1.16 19.86 26.15
C VAL B 183 -0.90 21.22 26.79
N GLU B 184 0.10 21.27 27.66
CA GLU B 184 0.51 22.50 28.32
C GLU B 184 1.07 23.51 27.29
N GLU B 185 1.79 22.99 26.29
CA GLU B 185 2.39 23.81 25.24
C GLU B 185 1.35 24.33 24.26
N LEU B 186 0.41 23.47 23.87
CA LEU B 186 -0.55 23.75 22.80
C LEU B 186 -1.66 24.72 23.22
N MSE B 187 -2.19 24.53 24.43
CA MSE B 187 -3.12 25.50 24.99
C MSE B 187 -2.38 26.80 25.30
O MSE B 187 -2.98 27.81 25.65
CB MSE B 187 -3.83 24.93 26.23
CG MSE B 187 -4.44 23.52 26.07
SE MSE B 187 -5.46 23.19 24.42
CE MSE B 187 -6.24 21.44 24.82
N GLY B 188 -1.05 26.76 25.14
CA GLY B 188 -0.15 27.88 25.40
C GLY B 188 -0.25 29.09 24.46
N LEU B 189 -0.59 28.87 23.19
CA LEU B 189 -0.77 30.01 22.29
C LEU B 189 -2.24 30.47 22.19
N GLN B 190 -2.41 31.60 21.54
CA GLN B 190 -3.62 32.39 21.51
C GLN B 190 -4.76 31.61 20.95
N GLN B 191 -4.46 30.63 20.16
CA GLN B 191 -5.51 29.84 19.57
C GLN B 191 -5.42 28.38 19.98
N PRO B 192 -6.54 27.80 20.42
CA PRO B 192 -6.53 26.40 20.81
C PRO B 192 -7.33 25.62 19.80
N PRO B 193 -6.72 24.58 19.30
CA PRO B 193 -7.18 23.88 18.12
C PRO B 193 -8.51 23.23 18.19
N THR B 194 -8.82 22.59 19.27
CA THR B 194 -10.13 22.03 19.38
C THR B 194 -10.25 20.72 18.65
N ALA B 195 -9.16 20.25 18.07
CA ALA B 195 -9.06 18.90 17.59
C ALA B 195 -7.66 18.43 17.80
N ILE B 196 -7.43 17.16 18.01
CA ILE B 196 -6.06 16.76 17.96
C ILE B 196 -5.88 15.39 17.46
N MSE B 197 -4.79 15.18 16.77
CA MSE B 197 -4.44 13.81 16.41
C MSE B 197 -3.12 13.45 17.07
O MSE B 197 -2.16 14.21 16.99
CB MSE B 197 -4.32 13.67 14.89
CG MSE B 197 -4.51 12.25 14.35
SE MSE B 197 -3.96 11.90 12.49
CE MSE B 197 -2.01 12.05 12.77
N ALA B 198 -3.09 12.30 17.75
CA ALA B 198 -1.86 11.76 18.36
C ALA B 198 -1.58 10.41 17.75
N THR B 199 -0.30 10.11 17.57
CA THR B 199 0.10 8.94 16.79
C THR B 199 0.31 7.67 17.59
N ASP B 200 -0.12 7.67 18.84
CA ASP B 200 0.24 6.63 19.79
C ASP B 200 -0.70 6.70 20.96
N ASP B 201 -1.09 5.55 21.50
CA ASP B 201 -2.04 5.55 22.58
C ASP B 201 -1.48 6.04 23.91
N LEU B 202 -0.21 5.78 24.16
CA LEU B 202 0.45 6.36 25.33
C LEU B 202 0.35 7.89 25.31
N ILE B 203 0.68 8.49 24.15
CA ILE B 203 0.63 9.95 23.94
C ILE B 203 -0.80 10.44 24.12
N GLY B 204 -1.73 9.76 23.46
CA GLY B 204 -3.15 10.04 23.61
C GLY B 204 -3.65 10.02 25.05
N LEU B 205 -3.09 9.13 25.87
CA LEU B 205 -3.48 9.02 27.29
C LEU B 205 -3.03 10.20 28.14
N GLY B 206 -1.77 10.62 27.92
CA GLY B 206 -1.22 11.81 28.58
C GLY B 206 -1.82 13.10 28.06
N VAL B 207 -2.48 13.02 26.90
CA VAL B 207 -3.21 14.14 26.32
C VAL B 207 -4.60 14.27 26.98
N LEU B 208 -5.23 13.13 27.25
CA LEU B 208 -6.53 13.11 27.90
C LEU B 208 -6.42 13.49 29.39
N SER B 209 -5.31 13.08 30.01
CA SER B 209 -5.08 13.31 31.44
C SER B 209 -4.51 14.70 31.77
N ALA B 210 -3.69 15.24 30.87
CA ALA B 210 -3.15 16.60 31.04
C ALA B 210 -4.21 17.68 30.81
N LEU B 211 -5.28 17.33 30.09
CA LEU B 211 -6.38 18.25 29.89
C LEU B 211 -7.57 17.94 30.79
N SER B 212 -7.51 16.83 31.51
CA SER B 212 -8.35 16.66 32.69
C SER B 212 -7.78 17.59 33.78
N LYS B 213 -6.46 17.50 33.99
CA LYS B 213 -5.72 18.33 34.95
C LYS B 213 -5.83 19.85 34.73
N LYS B 214 -6.25 20.28 33.54
CA LYS B 214 -6.39 21.71 33.23
C LYS B 214 -7.85 22.22 33.20
N GLY B 215 -8.80 21.29 33.37
CA GLY B 215 -10.22 21.63 33.40
C GLY B 215 -10.86 21.83 32.04
N PHE B 216 -10.48 20.99 31.07
CA PHE B 216 -11.06 20.98 29.71
C PHE B 216 -11.87 19.71 29.51
N VAL B 217 -13.08 19.85 28.99
CA VAL B 217 -13.98 18.71 28.81
C VAL B 217 -13.99 18.17 27.36
N VAL B 218 -13.44 16.96 27.23
CA VAL B 218 -13.47 16.18 26.00
C VAL B 218 -14.75 15.31 26.03
N PRO B 219 -15.44 15.16 24.88
CA PRO B 219 -15.23 15.72 23.54
C PRO B 219 -15.72 17.16 23.25
N LYS B 220 -16.57 17.73 24.10
CA LYS B 220 -17.27 18.98 23.72
C LYS B 220 -16.38 20.22 23.58
N ASP B 221 -15.28 20.29 24.33
CA ASP B 221 -14.32 21.40 24.18
C ASP B 221 -13.25 21.05 23.17
N VAL B 222 -12.57 19.94 23.43
CA VAL B 222 -11.49 19.47 22.59
C VAL B 222 -11.81 18.04 22.13
N SER B 223 -11.64 17.77 20.84
CA SER B 223 -11.87 16.43 20.25
C SER B 223 -10.55 15.69 19.99
N ILE B 224 -10.44 14.44 20.43
CA ILE B 224 -9.17 13.70 20.31
C ILE B 224 -9.26 12.37 19.56
N VAL B 225 -8.33 12.14 18.66
CA VAL B 225 -8.22 10.88 18.01
C VAL B 225 -6.81 10.42 18.13
N SER B 226 -6.63 9.15 18.44
CA SER B 226 -5.31 8.63 18.48
C SER B 226 -5.25 7.26 17.93
N PHE B 227 -4.05 6.92 17.52
CA PHE B 227 -3.77 5.64 16.94
C PHE B 227 -3.56 4.49 17.87
N ASN B 228 -3.81 3.33 17.35
CA ASN B 228 -3.40 2.07 17.88
C ASN B 228 -4.26 1.35 18.83
N ASN B 229 -5.31 1.94 19.33
CA ASN B 229 -6.21 1.11 20.06
C ASN B 229 -5.46 0.25 21.02
N ALA B 230 -4.73 0.87 21.92
CA ALA B 230 -3.90 0.14 22.82
C ALA B 230 -4.85 -0.67 23.63
N LEU B 231 -5.98 -0.09 23.96
CA LEU B 231 -6.96 -0.74 24.79
C LEU B 231 -6.59 -0.45 26.20
N LEU B 232 -5.53 0.30 26.30
CA LEU B 232 -5.39 1.19 27.38
C LEU B 232 -6.43 2.17 26.91
N SER B 233 -6.77 2.10 25.62
CA SER B 233 -7.68 3.06 25.05
C SER B 233 -9.07 3.04 25.66
N GLU B 234 -9.61 1.86 25.89
CA GLU B 234 -10.97 1.73 26.44
C GLU B 234 -11.18 2.31 27.82
N ILE B 235 -10.19 2.09 28.64
CA ILE B 235 -10.09 2.43 30.05
C ILE B 235 -10.14 3.87 30.54
N ALA B 236 -9.51 4.78 29.82
CA ALA B 236 -8.87 6.04 30.16
C ALA B 236 -9.67 7.16 30.76
N SER B 237 -10.88 7.35 30.34
CA SER B 237 -11.53 8.62 30.51
C SER B 237 -12.77 8.31 29.82
N PRO B 238 -13.29 9.23 29.04
CA PRO B 238 -14.15 8.85 27.93
C PRO B 238 -13.21 8.19 26.96
N PRO B 239 -13.66 7.07 26.46
CA PRO B 239 -13.05 6.23 25.45
C PRO B 239 -13.11 6.95 24.17
N LEU B 240 -12.18 6.70 23.25
CA LEU B 240 -11.52 7.48 22.21
C LEU B 240 -11.60 7.52 21.13
N SER B 241 -11.03 8.45 20.44
CA SER B 241 -11.12 8.25 19.10
C SER B 241 -9.91 7.49 18.68
N THR B 242 -10.10 6.29 18.12
CA THR B 242 -8.90 5.51 17.79
C THR B 242 -8.91 4.82 16.50
N VAL B 243 -7.73 4.65 15.96
CA VAL B 243 -7.54 3.92 14.74
C VAL B 243 -6.95 2.66 15.20
N ASP B 244 -7.55 1.56 14.88
CA ASP B 244 -7.12 0.33 15.42
C ASP B 244 -6.40 -0.29 14.29
N VAL B 245 -5.18 -0.69 14.52
CA VAL B 245 -4.32 -1.17 13.48
C VAL B 245 -4.07 -2.65 13.48
N ASN B 246 -4.84 -3.37 14.24
CA ASN B 246 -4.65 -4.82 14.33
C ASN B 246 -3.17 -5.28 14.44
N ILE B 247 -2.47 -4.83 15.49
CA ILE B 247 -1.03 -5.10 15.63
C ILE B 247 -0.72 -6.61 15.68
N TYR B 248 -1.62 -7.36 16.28
CA TYR B 248 -1.56 -8.79 16.28
C TYR B 248 -1.33 -9.30 14.87
N GLN B 249 -2.23 -8.94 13.96
CA GLN B 249 -2.11 -9.34 12.56
C GLN B 249 -0.81 -8.87 11.92
N LEU B 250 -0.25 -7.71 12.30
CA LEU B 250 1.08 -7.33 11.77
C LEU B 250 2.09 -8.40 12.17
N GLY B 251 2.16 -8.68 13.46
CA GLY B 251 3.00 -9.75 13.98
C GLY B 251 2.77 -11.07 13.28
N TYR B 252 1.53 -11.48 13.16
CA TYR B 252 1.15 -12.76 12.54
C TYR B 252 1.61 -12.83 11.09
N GLU B 253 1.33 -11.76 10.37
CA GLU B 253 1.62 -11.72 8.94
C GLU B 253 3.13 -11.59 8.68
N ALA B 254 3.83 -10.92 9.57
CA ALA B 254 5.28 -10.87 9.54
C ALA B 254 5.88 -12.27 9.69
N ALA B 255 5.39 -13.06 10.64
CA ALA B 255 5.92 -14.42 10.85
C ALA B 255 5.65 -15.31 9.64
N LYS B 256 4.42 -15.22 9.10
CA LYS B 256 4.01 -16.04 7.98
C LYS B 256 4.99 -15.78 6.87
N ALA B 257 5.24 -14.49 6.61
CA ALA B 257 6.17 -14.06 5.58
C ALA B 257 7.56 -14.64 5.78
N LEU B 258 8.14 -14.48 6.97
CA LEU B 258 9.48 -15.01 7.24
C LEU B 258 9.58 -16.52 7.09
N VAL B 259 8.62 -17.24 7.68
CA VAL B 259 8.65 -18.69 7.59
C VAL B 259 8.64 -19.11 6.12
N ASP B 260 7.92 -18.38 5.28
CA ASP B 260 7.91 -18.66 3.84
C ASP B 260 9.31 -18.41 3.30
N LYS B 261 9.86 -17.24 3.60
CA LYS B 261 11.22 -16.91 3.22
C LYS B 261 12.23 -17.99 3.66
N VAL B 262 12.07 -18.52 4.86
CA VAL B 262 13.04 -19.45 5.42
C VAL B 262 12.98 -20.80 4.73
N GLU B 263 11.78 -21.22 4.37
CA GLU B 263 11.55 -22.58 3.90
C GLU B 263 11.63 -22.76 2.39
N ASN B 264 11.30 -21.72 1.64
CA ASN B 264 11.15 -21.85 0.19
C ASN B 264 12.11 -20.96 -0.59
N ALA B 265 13.05 -20.39 0.12
CA ALA B 265 13.99 -19.52 -0.52
C ALA B 265 13.28 -18.48 -1.35
N GLU B 266 12.38 -17.69 -0.75
CA GLU B 266 11.68 -16.73 -1.56
C GLU B 266 12.41 -15.43 -1.51
N SER B 267 12.99 -15.08 -2.63
CA SER B 267 13.58 -13.78 -2.84
C SER B 267 12.73 -12.56 -2.83
N THR B 268 11.55 -12.69 -3.39
CA THR B 268 10.77 -11.58 -3.78
C THR B 268 10.41 -10.73 -2.65
N ALA B 269 10.45 -9.44 -2.90
CA ALA B 269 10.25 -8.49 -1.88
C ALA B 269 8.94 -7.92 -2.12
N LYS B 270 8.11 -7.95 -1.12
CA LYS B 270 6.80 -7.41 -1.22
C LYS B 270 6.51 -6.78 0.07
N CYS B 271 5.58 -5.87 0.03
CA CYS B 271 5.03 -5.26 1.21
C CYS B 271 3.69 -5.91 1.51
N ILE B 272 3.49 -6.34 2.76
CA ILE B 272 2.21 -6.90 3.15
C ILE B 272 1.52 -5.86 3.98
N ILE B 273 0.26 -5.55 3.66
CA ILE B 273 -0.44 -4.41 4.27
C ILE B 273 -1.64 -4.86 5.08
N ILE B 274 -1.64 -4.49 6.34
CA ILE B 274 -2.66 -4.91 7.30
C ILE B 274 -3.74 -3.84 7.35
N PRO B 275 -5.03 -4.25 7.32
CA PRO B 275 -6.10 -3.26 7.31
C PRO B 275 -6.20 -2.54 8.64
N HIS B 276 -6.65 -1.29 8.60
CA HIS B 276 -6.87 -0.55 9.82
C HIS B 276 -8.37 -0.19 9.88
N LYS B 277 -8.79 0.44 10.96
CA LYS B 277 -10.21 0.69 11.21
C LYS B 277 -10.32 1.86 12.18
N LEU B 278 -11.07 2.86 11.78
CA LEU B 278 -11.21 4.02 12.60
C LEU B 278 -12.39 3.92 13.52
N LEU B 279 -12.21 3.39 14.73
CA LEU B 279 -13.26 3.44 15.74
C LEU B 279 -13.40 4.82 16.31
N LYS B 280 -14.59 5.23 16.68
CA LYS B 280 -14.77 6.58 17.21
C LYS B 280 -15.52 6.74 18.53
N ARG B 281 -14.93 6.41 19.67
CA ARG B 281 -15.68 6.60 20.91
C ARG B 281 -15.56 7.91 21.72
N GLN B 282 -14.73 8.84 21.30
CA GLN B 282 -14.53 10.09 22.05
C GLN B 282 -15.57 10.23 23.13
C1 GLC C . -4.09 -3.00 -18.33
C2 GLC C . -5.03 -4.12 -17.90
C3 GLC C . -5.47 -3.89 -16.48
C4 GLC C . -4.21 -3.91 -15.64
C5 GLC C . -3.36 -2.69 -15.99
C6 GLC C . -2.03 -2.72 -15.23
O1 GLC C . -4.85 -1.85 -18.60
O2 GLC C . -6.16 -4.13 -18.73
O3 GLC C . -6.41 -4.88 -16.10
O4 GLC C . -4.49 -3.90 -14.25
O5 GLC C . -3.09 -2.65 -17.38
O6 GLC C . -1.51 -1.43 -14.98
C1 GLC C . -4.17 -5.06 -13.49
C2 GLC C . -5.42 -5.42 -12.71
C3 GLC C . -5.71 -4.23 -11.80
C4 GLC C . -4.52 -3.96 -10.86
C5 GLC C . -3.24 -3.81 -11.66
C6 GLC C . -2.08 -3.71 -10.70
O2 GLC C . -6.47 -5.61 -13.62
O3 GLC C . -6.94 -4.51 -11.16
O4 GLC C . -4.62 -2.71 -10.25
O5 GLC C . -3.08 -4.87 -12.59
O6 GLC C . -1.63 -2.39 -10.78
C1 GLC D . 4.17 3.28 18.43
C2 GLC D . 5.32 2.30 18.36
C3 GLC D . 5.78 2.25 16.92
C4 GLC D . 4.59 1.79 16.09
C5 GLC D . 3.32 2.58 16.39
C6 GLC D . 2.19 1.87 15.66
O1 GLC D . 4.46 4.42 17.65
O2 GLC D . 6.40 2.65 19.22
O3 GLC D . 6.83 1.33 16.76
O4 GLC D . 4.88 1.87 14.72
O5 GLC D . 3.09 2.68 17.79
O6 GLC D . 0.99 2.57 15.91
C1 GLC D . 5.11 0.61 14.12
C2 GLC D . 6.30 0.60 13.19
C3 GLC D . 5.82 -0.08 11.93
C4 GLC D . 4.64 0.56 11.22
C5 GLC D . 3.60 0.85 12.27
C6 GLC D . 2.29 0.23 11.85
O2 GLC D . 6.77 1.89 12.95
O3 GLC D . 5.34 -1.35 12.32
O4 GLC D . 5.00 1.68 10.44
O5 GLC D . 3.98 0.15 13.42
O6 GLC D . 1.48 1.24 11.31
#